data_2RFS
#
_entry.id   2RFS
#
_cell.length_a   42.104
_cell.length_b   43.441
_cell.length_c   158.072
_cell.angle_alpha   90.00
_cell.angle_beta   90.00
_cell.angle_gamma   90.00
#
_symmetry.space_group_name_H-M   'P 21 21 21'
#
loop_
_entity.id
_entity.type
_entity.pdbx_description
1 polymer 'Hepatocyte growth factor receptor'
2 non-polymer N-(3-chlorophenyl)-N-methyl-2-oxo-3-[(3,4,5-trimethyl-1H-pyrrol-2-yl)methyl]-2H-indole-5-sulfonamide
3 water water
#
_entity_poly.entity_id   1
_entity_poly.type   'polypeptide(L)'
_entity_poly.pdbx_seq_one_letter_code
;MQNTVHIDLSALNPELVQAVQHVVIGPSSLIVHFNEVIGRGHFGCVYHGTLLDNDGKKIHCAVKSLNRITDIGEVSQFLT
EGIIMKDFSHPNVLSLLGICLRSEGSPLVVLPYMKHGDLRNFIRNETHNPTVKDLIGFGLQVAKGMKYLASKKFVHRDLA
ARNCMLDEKFTVKVADFGLARDMYDKEYYSVHNKTGAKLPVKWMALESLQTQKFTTKSDVWSFGVLLWELMTRGAPPYPD
VNTFDITVYLLQGRRLLQPEYCPDPLYEVMLKCWHPKAEMRPSFSELVSRISAIFSTFIGEHYVHHHHHH
;
_entity_poly.pdbx_strand_id   A
#
loop_
_chem_comp.id
_chem_comp.type
_chem_comp.name
_chem_comp.formula
AM8 non-polymer N-(3-chlorophenyl)-N-methyl-2-oxo-3-[(3,4,5-trimethyl-1H-pyrrol-2-yl)methyl]-2H-indole-5-sulfonamide 'C23 H22 Cl N3 O3 S'
#
# COMPACT_ATOMS: atom_id res chain seq x y z
N GLN A 21 20.47 11.51 -14.41
CA GLN A 21 21.66 10.60 -14.57
C GLN A 21 21.77 9.62 -13.41
N HIS A 22 21.31 10.03 -12.23
CA HIS A 22 21.33 9.20 -11.04
C HIS A 22 20.23 8.14 -11.05
N VAL A 23 19.17 8.42 -11.81
CA VAL A 23 18.02 7.51 -11.92
C VAL A 23 18.23 6.38 -12.94
N VAL A 24 19.02 6.66 -13.97
CA VAL A 24 19.23 5.71 -15.08
C VAL A 24 20.21 4.60 -14.71
N ILE A 25 19.83 3.37 -15.03
CA ILE A 25 20.71 2.20 -14.89
C ILE A 25 21.12 1.72 -16.29
N GLY A 26 22.41 1.51 -16.48
CA GLY A 26 22.93 0.99 -17.75
C GLY A 26 22.44 -0.42 -18.00
N PRO A 27 22.04 -0.71 -19.26
CA PRO A 27 21.53 -2.04 -19.66
C PRO A 27 22.52 -3.18 -19.43
N SER A 28 23.80 -2.83 -19.29
CA SER A 28 24.88 -3.77 -18.97
C SER A 28 24.80 -4.27 -17.54
N SER A 29 24.32 -3.40 -16.64
CA SER A 29 24.28 -3.67 -15.21
C SER A 29 23.14 -4.61 -14.76
N LEU A 30 22.06 -4.65 -15.54
CA LEU A 30 20.87 -5.42 -15.15
C LEU A 30 20.67 -6.70 -15.97
N ILE A 31 20.36 -7.78 -15.27
CA ILE A 31 19.93 -9.04 -15.87
C ILE A 31 18.54 -9.35 -15.33
N VAL A 32 17.55 -9.42 -16.22
CA VAL A 32 16.17 -9.69 -15.81
C VAL A 32 15.69 -11.06 -16.29
N HIS A 33 15.37 -11.92 -15.34
CA HIS A 33 15.01 -13.32 -15.62
C HIS A 33 13.51 -13.48 -15.86
N PHE A 34 13.13 -13.47 -17.14
CA PHE A 34 11.72 -13.50 -17.54
C PHE A 34 11.06 -14.86 -17.29
N ASN A 35 11.87 -15.88 -17.09
CA ASN A 35 11.39 -17.23 -16.74
C ASN A 35 10.78 -17.31 -15.34
N GLU A 36 11.28 -16.47 -14.43
CA GLU A 36 10.78 -16.44 -13.06
C GLU A 36 9.95 -15.19 -12.75
N VAL A 37 8.63 -15.37 -12.78
CA VAL A 37 7.66 -14.31 -12.60
C VAL A 37 7.32 -14.14 -11.13
N ILE A 38 7.48 -12.91 -10.62
CA ILE A 38 7.02 -12.56 -9.28
C ILE A 38 5.52 -12.29 -9.29
N GLY A 39 5.04 -11.53 -10.27
CA GLY A 39 3.60 -11.24 -10.39
C GLY A 39 3.18 -10.60 -11.70
N ARG A 40 1.95 -10.86 -12.08
CA ARG A 40 1.38 -10.31 -13.31
C ARG A 40 0.38 -9.20 -12.98
N GLY A 41 0.64 -8.02 -13.53
CA GLY A 41 -0.27 -6.90 -13.38
C GLY A 41 -1.16 -6.77 -14.60
N HIS A 42 -1.87 -5.64 -14.68
CA HIS A 42 -2.71 -5.35 -15.84
C HIS A 42 -1.88 -4.78 -16.99
N PHE A 43 -1.07 -3.77 -16.68
CA PHE A 43 -0.31 -3.02 -17.69
C PHE A 43 1.10 -3.58 -17.89
N GLY A 44 1.52 -4.46 -16.99
CA GLY A 44 2.86 -5.02 -17.06
C GLY A 44 3.07 -6.26 -16.19
N CYS A 45 4.33 -6.56 -15.92
CA CYS A 45 4.71 -7.78 -15.23
C CYS A 45 6.01 -7.57 -14.48
N VAL A 46 6.16 -8.21 -13.33
CA VAL A 46 7.37 -8.07 -12.51
C VAL A 46 8.14 -9.40 -12.39
N TYR A 47 9.46 -9.33 -12.55
CA TYR A 47 10.31 -10.52 -12.56
C TYR A 47 11.44 -10.42 -11.55
N HIS A 48 11.95 -11.59 -11.14
CA HIS A 48 13.25 -11.65 -10.46
C HIS A 48 14.30 -11.07 -11.38
N GLY A 49 15.26 -10.35 -10.80
CA GLY A 49 16.35 -9.78 -11.56
C GLY A 49 17.61 -9.75 -10.74
N THR A 50 18.73 -9.49 -11.41
CA THR A 50 20.02 -9.36 -10.72
C THR A 50 20.70 -8.07 -11.17
N LEU A 51 21.21 -7.31 -10.20
CA LEU A 51 21.84 -6.04 -10.47
C LEU A 51 23.28 -6.05 -9.97
N LYS A 58 26.53 -7.82 -6.68
CA LYS A 58 25.41 -8.71 -6.93
C LYS A 58 24.27 -8.48 -5.93
N ILE A 59 23.24 -7.76 -6.35
CA ILE A 59 22.05 -7.55 -5.51
C ILE A 59 20.78 -8.05 -6.19
N HIS A 60 19.99 -8.83 -5.44
CA HIS A 60 18.73 -9.37 -5.94
C HIS A 60 17.66 -8.26 -6.00
N CYS A 61 16.99 -8.17 -7.14
CA CYS A 61 15.98 -7.13 -7.35
C CYS A 61 14.70 -7.64 -8.02
N ALA A 62 13.70 -6.76 -8.08
CA ALA A 62 12.47 -7.02 -8.80
C ALA A 62 12.37 -6.02 -9.95
N VAL A 63 12.03 -6.51 -11.13
CA VAL A 63 12.03 -5.68 -12.34
C VAL A 63 10.64 -5.61 -12.93
N LYS A 64 10.04 -4.42 -12.92
CA LYS A 64 8.73 -4.22 -13.51
C LYS A 64 8.80 -3.87 -14.98
N SER A 65 8.18 -4.74 -15.79
CA SER A 65 8.06 -4.52 -17.23
C SER A 65 6.72 -3.86 -17.54
N LEU A 66 6.68 -3.11 -18.65
CA LEU A 66 5.47 -2.39 -19.04
C LEU A 66 5.03 -2.77 -20.45
N ASN A 67 4.69 -4.04 -20.63
CA ASN A 67 4.25 -4.59 -21.91
C ASN A 67 2.84 -4.15 -22.33
N ILE A 72 0.90 3.98 -23.89
CA ILE A 72 2.13 3.82 -23.11
C ILE A 72 2.31 4.95 -22.10
N GLY A 73 2.05 6.19 -22.53
CA GLY A 73 2.20 7.36 -21.67
C GLY A 73 3.37 8.25 -22.08
N GLU A 74 3.41 9.46 -21.51
CA GLU A 74 4.46 10.44 -21.80
C GLU A 74 5.81 10.03 -21.21
N VAL A 75 6.85 10.13 -22.02
CA VAL A 75 8.22 9.80 -21.58
C VAL A 75 8.77 10.89 -20.65
N SER A 76 8.41 12.14 -20.94
CA SER A 76 8.77 13.28 -20.10
C SER A 76 8.25 13.11 -18.68
N GLN A 77 6.98 12.70 -18.56
CA GLN A 77 6.33 12.51 -17.27
C GLN A 77 6.85 11.28 -16.55
N PHE A 78 7.32 10.30 -17.33
CA PHE A 78 7.88 9.05 -16.82
C PHE A 78 9.20 9.29 -16.08
N LEU A 79 10.14 9.96 -16.75
CA LEU A 79 11.48 10.19 -16.22
C LEU A 79 11.48 11.12 -15.01
N THR A 80 10.56 12.09 -15.01
CA THR A 80 10.44 13.05 -13.90
C THR A 80 9.75 12.42 -12.69
N GLU A 81 8.87 11.45 -12.94
CA GLU A 81 8.23 10.68 -11.87
C GLU A 81 9.26 9.78 -11.18
N GLY A 82 10.21 9.26 -11.96
CA GLY A 82 11.28 8.41 -11.46
C GLY A 82 12.29 9.15 -10.63
N ILE A 83 12.38 10.47 -10.83
CA ILE A 83 13.26 11.35 -10.07
C ILE A 83 12.70 11.63 -8.67
N ILE A 84 11.41 11.91 -8.60
CA ILE A 84 10.68 12.06 -7.32
C ILE A 84 10.83 10.79 -6.47
N MET A 85 10.59 9.65 -7.11
CA MET A 85 10.57 8.33 -6.48
C MET A 85 11.93 7.89 -5.95
N LYS A 86 12.95 8.07 -6.78
CA LYS A 86 14.33 7.72 -6.44
C LYS A 86 14.81 8.52 -5.23
N ASP A 87 14.31 9.73 -5.09
CA ASP A 87 14.72 10.63 -4.03
C ASP A 87 13.97 10.37 -2.71
N PHE A 88 12.92 9.54 -2.76
CA PHE A 88 12.21 9.10 -1.55
C PHE A 88 13.07 8.10 -0.78
N SER A 89 13.45 8.44 0.45
CA SER A 89 14.25 7.53 1.25
C SER A 89 13.73 7.40 2.69
N HIS A 90 13.07 6.27 2.97
CA HIS A 90 12.52 6.00 4.29
C HIS A 90 12.47 4.49 4.51
N PRO A 91 12.80 4.02 5.73
CA PRO A 91 12.80 2.57 5.97
C PRO A 91 11.46 1.87 5.74
N ASN A 92 10.37 2.62 5.78
CA ASN A 92 9.04 2.05 5.57
C ASN A 92 8.39 2.45 4.25
N VAL A 93 9.22 2.95 3.32
CA VAL A 93 8.79 3.27 1.96
C VAL A 93 9.67 2.53 0.95
N LEU A 94 9.04 1.87 -0.02
CA LEU A 94 9.75 1.17 -1.08
C LEU A 94 10.56 2.17 -1.89
N SER A 95 11.86 1.90 -2.02
CA SER A 95 12.74 2.74 -2.83
C SER A 95 12.66 2.32 -4.30
N LEU A 96 13.03 3.23 -5.19
CA LEU A 96 13.27 2.88 -6.57
C LEU A 96 14.77 2.74 -6.73
N LEU A 97 15.21 1.55 -7.14
CA LEU A 97 16.62 1.33 -7.45
C LEU A 97 17.02 2.14 -8.69
N GLY A 98 16.19 2.04 -9.74
CA GLY A 98 16.36 2.90 -10.92
C GLY A 98 15.53 2.49 -12.13
N ILE A 99 15.85 3.10 -13.26
CA ILE A 99 15.19 2.81 -14.53
C ILE A 99 16.23 2.33 -15.54
N CYS A 100 15.92 1.23 -16.23
CA CYS A 100 16.78 0.74 -17.30
C CYS A 100 16.15 1.04 -18.67
N LEU A 101 16.87 1.83 -19.47
CA LEU A 101 16.42 2.19 -20.81
C LEU A 101 17.14 1.36 -21.87
N SER A 106 10.43 -0.82 -24.21
CA SER A 106 9.78 -0.16 -23.10
C SER A 106 10.65 -0.19 -21.85
N PRO A 107 10.65 0.91 -21.13
CA PRO A 107 11.49 1.05 -19.97
C PRO A 107 11.17 0.03 -18.90
N LEU A 108 12.18 -0.35 -18.16
CA LEU A 108 12.09 -1.32 -17.07
C LEU A 108 12.32 -0.63 -15.73
N VAL A 109 11.40 -0.86 -14.79
CA VAL A 109 11.48 -0.27 -13.46
C VAL A 109 12.12 -1.26 -12.48
N VAL A 110 13.26 -0.86 -11.92
CA VAL A 110 14.05 -1.73 -11.04
C VAL A 110 13.80 -1.43 -9.56
N LEU A 111 13.35 -2.45 -8.82
CA LEU A 111 12.91 -2.30 -7.44
C LEU A 111 13.61 -3.33 -6.56
N PRO A 112 13.80 -3.02 -5.26
CA PRO A 112 14.41 -3.99 -4.35
C PRO A 112 13.59 -5.28 -4.26
N TYR A 113 14.29 -6.39 -3.98
CA TYR A 113 13.62 -7.65 -3.75
C TYR A 113 13.04 -7.68 -2.34
N MET A 114 11.81 -8.15 -2.22
CA MET A 114 11.10 -8.24 -0.95
C MET A 114 10.80 -9.69 -0.64
N LYS A 115 11.61 -10.26 0.25
CA LYS A 115 11.59 -11.70 0.54
C LYS A 115 10.22 -12.25 0.93
N HIS A 116 9.51 -11.56 1.81
CA HIS A 116 8.27 -12.13 2.36
C HIS A 116 7.00 -11.66 1.67
N GLY A 117 7.15 -10.93 0.57
CA GLY A 117 6.02 -10.56 -0.27
C GLY A 117 5.13 -9.53 0.40
N ASP A 118 3.85 -9.57 0.06
CA ASP A 118 2.91 -8.54 0.51
C ASP A 118 2.40 -8.83 1.92
N LEU A 119 2.06 -7.75 2.61
CA LEU A 119 1.60 -7.83 4.00
C LEU A 119 0.34 -8.69 4.19
N ARG A 120 -0.59 -8.62 3.24
CA ARG A 120 -1.87 -9.34 3.37
C ARG A 120 -1.67 -10.85 3.33
N ASN A 121 -0.95 -11.32 2.31
CA ASN A 121 -0.62 -12.73 2.23
C ASN A 121 0.24 -13.19 3.41
N PHE A 122 1.14 -12.32 3.86
CA PHE A 122 1.98 -12.62 5.04
C PHE A 122 1.16 -12.90 6.31
N ILE A 123 0.11 -12.12 6.54
CA ILE A 123 -0.72 -12.31 7.73
C ILE A 123 -1.75 -13.43 7.58
N ARG A 124 -1.93 -13.91 6.35
CA ARG A 124 -2.84 -15.02 6.08
C ARG A 124 -2.12 -16.38 6.11
N ASN A 125 -0.81 -16.32 5.97
CA ASN A 125 0.05 -17.51 5.98
C ASN A 125 -0.05 -18.30 7.27
N GLU A 126 -0.32 -19.61 7.14
CA GLU A 126 -0.45 -20.50 8.30
C GLU A 126 0.90 -20.86 8.92
N THR A 127 1.98 -20.57 8.20
CA THR A 127 3.36 -20.80 8.65
C THR A 127 3.84 -19.72 9.63
N HIS A 128 3.37 -18.50 9.46
CA HIS A 128 3.80 -17.38 10.29
C HIS A 128 2.86 -17.17 11.49
N ASN A 129 3.43 -16.74 12.60
CA ASN A 129 2.66 -16.49 13.82
C ASN A 129 2.87 -15.09 14.42
N PRO A 130 2.45 -14.03 13.70
CA PRO A 130 2.55 -12.71 14.32
C PRO A 130 1.58 -12.57 15.49
N THR A 131 2.01 -11.90 16.55
CA THR A 131 1.16 -11.61 17.72
C THR A 131 0.35 -10.33 17.48
N VAL A 132 -0.55 -10.01 18.41
CA VAL A 132 -1.28 -8.74 18.39
C VAL A 132 -0.29 -7.55 18.34
N LYS A 133 0.74 -7.60 19.17
CA LYS A 133 1.77 -6.55 19.17
C LYS A 133 2.45 -6.42 17.81
N ASP A 134 2.83 -7.56 17.23
CA ASP A 134 3.43 -7.62 15.90
C ASP A 134 2.58 -6.96 14.83
N LEU A 135 1.27 -7.23 14.87
CA LEU A 135 0.31 -6.70 13.88
C LEU A 135 0.10 -5.19 14.02
N ILE A 136 0.04 -4.71 15.26
CA ILE A 136 0.00 -3.27 15.55
C ILE A 136 1.28 -2.59 15.06
N GLY A 137 2.39 -3.29 15.24
CA GLY A 137 3.70 -2.85 14.79
C GLY A 137 3.81 -2.71 13.29
N PHE A 138 3.23 -3.67 12.55
CA PHE A 138 3.13 -3.57 11.08
C PHE A 138 2.35 -2.33 10.69
N GLY A 139 1.24 -2.09 11.37
CA GLY A 139 0.43 -0.88 11.17
C GLY A 139 1.16 0.41 11.51
N LEU A 140 2.04 0.37 12.53
CA LEU A 140 2.84 1.54 12.91
C LEU A 140 3.83 1.89 11.80
N GLN A 141 4.53 0.87 11.31
CA GLN A 141 5.47 1.01 10.19
C GLN A 141 4.84 1.64 8.94
N VAL A 142 3.67 1.14 8.55
CA VAL A 142 2.89 1.72 7.44
C VAL A 142 2.58 3.21 7.69
N ALA A 143 2.07 3.52 8.88
CA ALA A 143 1.81 4.91 9.27
C ALA A 143 3.04 5.78 9.13
N LYS A 144 4.20 5.28 9.56
CA LYS A 144 5.46 6.02 9.42
C LYS A 144 5.83 6.22 7.96
N GLY A 145 5.68 5.15 7.17
CA GLY A 145 5.83 5.23 5.72
C GLY A 145 4.91 6.26 5.09
N MET A 146 3.65 6.28 5.52
CA MET A 146 2.68 7.23 5.01
C MET A 146 2.89 8.64 5.55
N LYS A 147 3.37 8.75 6.78
CA LYS A 147 3.76 10.05 7.33
C LYS A 147 4.84 10.67 6.45
N TYR A 148 5.81 9.84 6.05
CA TYR A 148 6.87 10.27 5.14
C TYR A 148 6.33 10.71 3.78
N LEU A 149 5.46 9.91 3.17
CA LEU A 149 4.88 10.24 1.87
C LEU A 149 4.00 11.49 1.91
N ALA A 150 3.18 11.61 2.95
CA ALA A 150 2.36 12.81 3.14
C ALA A 150 3.19 14.09 3.24
N SER A 151 4.37 14.01 3.88
CA SER A 151 5.26 15.16 4.04
C SER A 151 5.88 15.64 2.72
N LYS A 152 5.85 14.78 1.70
CA LYS A 152 6.33 15.10 0.37
C LYS A 152 5.15 15.41 -0.56
N LYS A 153 3.98 15.65 0.02
CA LYS A 153 2.73 15.94 -0.71
C LYS A 153 2.35 14.84 -1.71
N PHE A 154 2.76 13.61 -1.43
CA PHE A 154 2.51 12.51 -2.32
C PHE A 154 1.28 11.73 -1.86
N VAL A 155 0.29 11.60 -2.75
CA VAL A 155 -0.94 10.86 -2.45
C VAL A 155 -0.78 9.44 -3.01
N HIS A 156 -0.89 8.43 -2.14
CA HIS A 156 -0.71 7.04 -2.56
C HIS A 156 -1.83 6.53 -3.48
N ARG A 157 -3.09 6.73 -3.08
CA ARG A 157 -4.27 6.36 -3.89
C ARG A 157 -4.72 4.90 -3.79
N ASP A 158 -3.79 4.00 -3.50
CA ASP A 158 -4.09 2.56 -3.41
C ASP A 158 -3.48 1.86 -2.19
N LEU A 159 -3.53 2.53 -1.03
CA LEU A 159 -3.08 1.93 0.23
C LEU A 159 -3.98 0.75 0.64
N ALA A 160 -3.33 -0.36 0.96
CA ALA A 160 -4.01 -1.59 1.34
C ALA A 160 -2.90 -2.57 1.72
N ALA A 161 -3.22 -3.59 2.50
CA ALA A 161 -2.22 -4.56 2.97
C ALA A 161 -1.51 -5.27 1.81
N ARG A 162 -2.26 -5.53 0.73
CA ARG A 162 -1.72 -6.14 -0.49
C ARG A 162 -0.62 -5.30 -1.13
N ASN A 163 -0.60 -4.01 -0.81
CA ASN A 163 0.32 -3.07 -1.43
C ASN A 163 1.48 -2.65 -0.53
N CYS A 164 1.64 -3.37 0.57
CA CYS A 164 2.76 -3.19 1.46
C CYS A 164 3.57 -4.48 1.42
N MET A 165 4.89 -4.33 1.31
CA MET A 165 5.81 -5.45 1.14
C MET A 165 6.72 -5.63 2.37
N LEU A 166 7.17 -6.85 2.61
CA LEU A 166 8.12 -7.10 3.69
C LEU A 166 9.46 -7.61 3.15
N ASP A 167 10.55 -7.09 3.72
CA ASP A 167 11.88 -7.56 3.38
C ASP A 167 12.31 -8.67 4.33
N GLU A 168 13.61 -9.00 4.32
CA GLU A 168 14.15 -10.13 5.07
C GLU A 168 14.16 -9.91 6.59
N LYS A 169 14.22 -8.64 7.00
CA LYS A 169 14.18 -8.31 8.42
C LYS A 169 12.75 -8.05 8.89
N PHE A 170 11.78 -8.44 8.07
CA PHE A 170 10.34 -8.24 8.31
C PHE A 170 9.95 -6.76 8.45
N THR A 171 10.69 -5.90 7.75
CA THR A 171 10.41 -4.47 7.69
C THR A 171 9.34 -4.20 6.63
N VAL A 172 8.28 -3.51 7.03
CA VAL A 172 7.16 -3.26 6.14
C VAL A 172 7.43 -2.02 5.30
N LYS A 173 7.32 -2.17 3.99
CA LYS A 173 7.50 -1.07 3.08
C LYS A 173 6.24 -0.77 2.30
N VAL A 174 5.77 0.47 2.43
CA VAL A 174 4.68 0.99 1.63
C VAL A 174 5.11 1.00 0.15
N ALA A 175 4.34 0.30 -0.68
CA ALA A 175 4.74 0.08 -2.08
C ALA A 175 3.58 0.32 -3.07
N ASP A 176 3.78 -0.18 -4.30
CA ASP A 176 2.85 -0.01 -5.43
C ASP A 176 2.36 1.43 -5.65
N PHE A 177 3.30 2.36 -5.70
CA PHE A 177 3.01 3.75 -6.03
C PHE A 177 3.96 4.22 -7.13
N GLY A 178 3.64 5.35 -7.75
CA GLY A 178 4.46 5.92 -8.81
C GLY A 178 4.57 5.00 -10.00
N LEU A 179 5.80 4.80 -10.46
CA LEU A 179 6.13 3.98 -11.63
C LEU A 179 5.91 2.49 -11.37
N ALA A 180 5.91 2.14 -10.09
CA ALA A 180 5.68 0.77 -9.65
C ALA A 180 4.19 0.41 -9.65
N ARG A 181 3.34 1.42 -9.81
CA ARG A 181 1.89 1.25 -9.65
C ARG A 181 1.26 0.37 -10.72
N ASP A 182 0.47 -0.60 -10.26
CA ASP A 182 -0.33 -1.45 -11.14
C ASP A 182 -1.46 -2.10 -10.33
N MET A 183 -2.07 -3.12 -10.93
CA MET A 183 -3.20 -3.82 -10.37
C MET A 183 -2.92 -5.32 -10.51
N TYR A 184 -2.73 -5.98 -9.37
CA TYR A 184 -2.26 -7.37 -9.32
C TYR A 184 -3.30 -8.37 -8.82
N ASP A 185 -4.16 -7.91 -7.91
CA ASP A 185 -5.32 -8.69 -7.48
C ASP A 185 -6.56 -7.99 -8.04
N LYS A 186 -6.94 -8.40 -9.25
CA LYS A 186 -8.01 -7.76 -10.02
C LYS A 186 -9.37 -7.72 -9.30
N GLU A 187 -9.57 -8.69 -8.41
CA GLU A 187 -10.80 -8.86 -7.65
C GLU A 187 -11.26 -7.61 -6.88
N TYR A 188 -10.30 -6.79 -6.44
CA TYR A 188 -10.58 -5.69 -5.52
C TYR A 188 -10.68 -4.32 -6.18
N TYR A 189 -10.82 -4.32 -7.50
CA TYR A 189 -10.98 -3.10 -8.28
C TYR A 189 -12.23 -3.19 -9.16
N SER A 190 -13.04 -2.13 -9.14
CA SER A 190 -14.29 -2.10 -9.90
C SER A 190 -14.38 -0.91 -10.85
N VAL A 191 -14.92 -1.17 -12.03
CA VAL A 191 -14.95 -0.20 -13.13
C VAL A 191 -16.00 0.90 -12.96
N HIS A 192 -15.63 2.11 -13.38
CA HIS A 192 -16.52 3.28 -13.50
C HIS A 192 -16.76 4.00 -12.16
N THR A 195 -16.03 7.81 -15.10
CA THR A 195 -14.95 7.38 -15.97
C THR A 195 -14.60 5.93 -15.69
N GLY A 196 -14.50 5.12 -16.74
CA GLY A 196 -14.24 3.67 -16.62
C GLY A 196 -13.02 3.26 -15.82
N ALA A 197 -12.57 4.14 -14.93
CA ALA A 197 -11.47 3.85 -14.01
C ALA A 197 -11.79 2.65 -13.13
N LYS A 198 -10.78 1.80 -12.91
CA LYS A 198 -10.93 0.59 -12.11
C LYS A 198 -10.38 0.83 -10.71
N LEU A 199 -11.28 0.94 -9.74
CA LEU A 199 -10.95 1.53 -8.43
C LEU A 199 -11.17 0.63 -7.22
N PRO A 200 -10.28 0.71 -6.21
CA PRO A 200 -10.34 -0.12 -5.00
C PRO A 200 -11.39 0.37 -3.99
N VAL A 201 -12.66 0.27 -4.40
CA VAL A 201 -13.82 0.84 -3.68
C VAL A 201 -13.87 0.55 -2.17
N LYS A 202 -13.50 -0.67 -1.79
CA LYS A 202 -13.55 -1.11 -0.38
C LYS A 202 -12.48 -0.47 0.51
N TRP A 203 -11.58 0.31 -0.10
CA TRP A 203 -10.52 1.02 0.62
C TRP A 203 -10.68 2.53 0.50
N MET A 204 -11.67 2.95 -0.28
CA MET A 204 -11.84 4.35 -0.63
C MET A 204 -12.78 5.11 0.31
N ALA A 205 -12.41 6.35 0.60
CA ALA A 205 -13.25 7.27 1.38
C ALA A 205 -14.54 7.61 0.65
N LEU A 206 -15.58 7.97 1.40
CA LEU A 206 -16.86 8.45 0.85
C LEU A 206 -16.70 9.42 -0.31
N GLU A 207 -15.98 10.51 -0.07
CA GLU A 207 -15.81 11.57 -1.07
C GLU A 207 -15.07 11.11 -2.34
N SER A 208 -14.17 10.13 -2.20
CA SER A 208 -13.46 9.57 -3.35
C SER A 208 -14.39 8.71 -4.19
N LEU A 209 -15.33 8.05 -3.54
CA LEU A 209 -16.33 7.24 -4.22
C LEU A 209 -17.29 8.12 -4.99
N GLN A 210 -17.54 9.31 -4.45
CA GLN A 210 -18.42 10.29 -5.06
C GLN A 210 -17.74 11.09 -6.18
N THR A 211 -16.52 11.56 -5.93
CA THR A 211 -15.82 12.46 -6.86
C THR A 211 -14.66 11.84 -7.65
N GLN A 212 -14.24 10.63 -7.24
CA GLN A 212 -13.05 9.96 -7.80
C GLN A 212 -11.74 10.73 -7.61
N LYS A 213 -11.76 11.69 -6.69
CA LYS A 213 -10.58 12.45 -6.30
C LYS A 213 -9.96 11.88 -5.03
N PHE A 214 -8.64 11.74 -5.04
CA PHE A 214 -7.90 11.19 -3.93
C PHE A 214 -7.04 12.26 -3.23
N THR A 215 -6.98 12.20 -1.91
CA THR A 215 -6.15 13.10 -1.12
C THR A 215 -5.44 12.31 -0.03
N THR A 216 -4.55 12.97 0.69
CA THR A 216 -3.90 12.35 1.84
C THR A 216 -4.93 11.96 2.90
N LYS A 217 -6.01 12.73 3.02
CA LYS A 217 -7.11 12.41 3.94
C LYS A 217 -7.90 11.18 3.52
N SER A 218 -7.97 10.92 2.21
CA SER A 218 -8.55 9.67 1.73
C SER A 218 -7.56 8.48 1.86
N ASP A 219 -6.26 8.78 1.85
CA ASP A 219 -5.23 7.80 2.21
C ASP A 219 -5.41 7.37 3.67
N VAL A 220 -5.75 8.34 4.53
CA VAL A 220 -6.03 8.07 5.93
C VAL A 220 -7.20 7.10 6.11
N TRP A 221 -8.27 7.30 5.33
CA TRP A 221 -9.39 6.35 5.29
C TRP A 221 -8.92 4.96 4.91
N SER A 222 -8.12 4.85 3.83
CA SER A 222 -7.55 3.56 3.40
C SER A 222 -6.71 2.90 4.47
N PHE A 223 -5.97 3.72 5.23
CA PHE A 223 -5.16 3.22 6.35
C PHE A 223 -6.00 2.59 7.47
N GLY A 224 -7.17 3.16 7.75
CA GLY A 224 -8.09 2.53 8.71
C GLY A 224 -8.50 1.12 8.28
N VAL A 225 -8.75 0.96 6.98
CA VAL A 225 -9.15 -0.34 6.41
C VAL A 225 -7.99 -1.31 6.49
N LEU A 226 -6.79 -0.80 6.21
CA LEU A 226 -5.56 -1.57 6.34
C LEU A 226 -5.36 -2.04 7.79
N LEU A 227 -5.60 -1.14 8.75
CA LEU A 227 -5.55 -1.53 10.17
C LEU A 227 -6.51 -2.68 10.46
N TRP A 228 -7.71 -2.61 9.88
CA TRP A 228 -8.72 -3.65 10.02
C TRP A 228 -8.27 -4.98 9.40
N GLU A 229 -7.61 -4.92 8.24
CA GLU A 229 -7.04 -6.11 7.61
C GLU A 229 -6.05 -6.79 8.55
N LEU A 230 -5.17 -6.00 9.16
CA LEU A 230 -4.15 -6.51 10.08
C LEU A 230 -4.75 -7.24 11.27
N MET A 231 -5.79 -6.65 11.88
CA MET A 231 -6.37 -7.20 13.09
C MET A 231 -7.32 -8.38 12.84
N THR A 232 -7.69 -8.60 11.58
CA THR A 232 -8.47 -9.77 11.17
C THR A 232 -7.61 -10.79 10.45
N ARG A 233 -6.31 -10.51 10.39
CA ARG A 233 -5.32 -11.29 9.64
C ARG A 233 -5.69 -11.54 8.17
N GLY A 234 -5.94 -10.44 7.43
CA GLY A 234 -6.13 -10.50 6.00
C GLY A 234 -7.52 -10.88 5.51
N ALA A 235 -8.54 -10.64 6.34
CA ALA A 235 -9.92 -10.86 5.91
C ALA A 235 -10.33 -9.83 4.87
N PRO A 236 -11.17 -10.22 3.88
CA PRO A 236 -11.72 -9.26 2.94
C PRO A 236 -12.72 -8.32 3.63
N PRO A 237 -12.55 -7.00 3.43
CA PRO A 237 -13.51 -6.06 4.01
C PRO A 237 -14.84 -6.04 3.26
N TYR A 238 -15.93 -5.88 4.02
CA TYR A 238 -17.29 -5.82 3.46
C TYR A 238 -17.58 -6.95 2.44
N PRO A 239 -17.53 -8.23 2.89
CA PRO A 239 -17.72 -9.33 1.94
C PRO A 239 -19.07 -9.31 1.23
N ASP A 240 -20.14 -9.09 1.98
CA ASP A 240 -21.51 -9.19 1.46
C ASP A 240 -22.01 -7.89 0.82
N VAL A 241 -21.08 -6.99 0.55
CA VAL A 241 -21.33 -5.80 -0.27
C VAL A 241 -20.75 -6.05 -1.65
N ASN A 242 -21.40 -5.49 -2.67
CA ASN A 242 -20.93 -5.56 -4.05
C ASN A 242 -20.60 -4.18 -4.63
N THR A 243 -19.31 -3.94 -4.91
CA THR A 243 -18.82 -2.83 -5.77
C THR A 243 -19.13 -1.40 -5.29
N PHE A 244 -19.66 -0.57 -6.20
CA PHE A 244 -20.02 0.82 -5.89
C PHE A 244 -21.29 0.97 -5.04
N ASP A 245 -21.96 -0.14 -4.73
CA ASP A 245 -23.06 -0.16 -3.75
C ASP A 245 -22.51 0.18 -2.36
N ILE A 246 -21.17 0.13 -2.23
CA ILE A 246 -20.48 0.43 -0.97
C ILE A 246 -20.89 1.78 -0.39
N THR A 247 -21.08 2.76 -1.26
CA THR A 247 -21.51 4.10 -0.88
C THR A 247 -22.84 4.07 -0.12
N VAL A 248 -23.79 3.31 -0.65
CA VAL A 248 -25.11 3.15 -0.03
C VAL A 248 -25.01 2.42 1.30
N TYR A 249 -24.16 1.39 1.35
CA TYR A 249 -23.89 0.65 2.58
C TYR A 249 -23.27 1.55 3.68
N LEU A 250 -22.30 2.38 3.30
CA LEU A 250 -21.70 3.32 4.26
C LEU A 250 -22.69 4.39 4.71
N LEU A 251 -23.45 4.95 3.78
CA LEU A 251 -24.46 5.97 4.11
C LEU A 251 -25.62 5.43 4.97
N GLN A 252 -25.71 4.11 5.12
CA GLN A 252 -26.63 3.50 6.09
C GLN A 252 -26.25 3.76 7.55
N GLY A 253 -25.03 4.23 7.79
CA GLY A 253 -24.53 4.50 9.14
C GLY A 253 -23.65 3.36 9.63
N ARG A 254 -22.85 2.83 8.71
CA ARG A 254 -22.11 1.59 8.92
C ARG A 254 -20.60 1.82 8.80
N ARG A 255 -19.86 1.04 9.58
CA ARG A 255 -18.42 0.95 9.45
C ARG A 255 -18.04 -0.51 9.66
N LEU A 256 -16.85 -0.89 9.23
CA LEU A 256 -16.32 -2.23 9.54
C LEU A 256 -16.37 -2.48 11.06
N LEU A 257 -16.70 -3.70 11.44
CA LEU A 257 -16.86 -4.07 12.85
C LEU A 257 -15.49 -4.26 13.52
N GLN A 258 -15.46 -4.15 14.84
CA GLN A 258 -14.23 -4.35 15.61
C GLN A 258 -13.80 -5.82 15.62
N PRO A 259 -12.60 -6.11 15.10
CA PRO A 259 -12.04 -7.45 15.22
C PRO A 259 -11.85 -7.82 16.69
N GLU A 260 -12.02 -9.11 17.01
CA GLU A 260 -11.97 -9.58 18.40
C GLU A 260 -10.71 -9.15 19.15
N TYR A 261 -9.56 -9.37 18.53
CA TYR A 261 -8.29 -9.05 19.19
C TYR A 261 -7.77 -7.65 18.88
N CYS A 262 -8.58 -6.84 18.20
CA CYS A 262 -8.28 -5.43 18.04
C CYS A 262 -8.55 -4.69 19.37
N PRO A 263 -7.54 -3.99 19.91
CA PRO A 263 -7.70 -3.19 21.11
C PRO A 263 -8.73 -2.07 20.90
N ASP A 264 -9.51 -1.78 21.93
CA ASP A 264 -10.51 -0.71 21.87
C ASP A 264 -9.94 0.64 21.38
N PRO A 265 -8.80 1.11 21.95
CA PRO A 265 -8.20 2.33 21.37
C PRO A 265 -7.82 2.19 19.89
N LEU A 266 -7.40 1.00 19.44
CA LEU A 266 -7.09 0.84 18.01
C LEU A 266 -8.36 0.93 17.14
N TYR A 267 -9.48 0.40 17.63
CA TYR A 267 -10.75 0.53 16.90
C TYR A 267 -11.22 1.98 16.84
N GLU A 268 -11.02 2.72 17.93
CA GLU A 268 -11.35 4.14 17.97
C GLU A 268 -10.54 4.95 16.94
N VAL A 269 -9.27 4.59 16.77
CA VAL A 269 -8.41 5.12 15.71
C VAL A 269 -8.97 4.83 14.30
N MET A 270 -9.43 3.61 14.06
CA MET A 270 -10.06 3.25 12.78
C MET A 270 -11.27 4.13 12.47
N LEU A 271 -12.08 4.38 13.48
CA LEU A 271 -13.30 5.19 13.35
C LEU A 271 -12.98 6.65 13.02
N LYS A 272 -11.91 7.16 13.64
CA LYS A 272 -11.39 8.50 13.36
C LYS A 272 -10.86 8.58 11.93
N CYS A 273 -10.24 7.50 11.44
CA CYS A 273 -9.76 7.42 10.06
C CYS A 273 -10.93 7.44 9.06
N TRP A 274 -12.08 6.96 9.51
CA TRP A 274 -13.26 6.91 8.66
C TRP A 274 -14.23 8.03 8.97
N HIS A 275 -13.74 9.13 9.56
CA HIS A 275 -14.58 10.30 9.82
C HIS A 275 -15.29 10.74 8.53
N PRO A 276 -16.61 11.00 8.59
CA PRO A 276 -17.31 11.54 7.42
C PRO A 276 -16.74 12.87 6.88
N LYS A 277 -16.25 13.74 7.76
CA LYS A 277 -15.56 14.96 7.31
C LYS A 277 -14.06 14.68 7.15
N ALA A 278 -13.59 14.72 5.90
CA ALA A 278 -12.18 14.42 5.57
C ALA A 278 -11.18 15.21 6.41
N GLU A 279 -11.44 16.51 6.58
CA GLU A 279 -10.57 17.38 7.39
C GLU A 279 -10.51 17.04 8.90
N MET A 280 -11.45 16.23 9.38
CA MET A 280 -11.47 15.85 10.80
C MET A 280 -10.71 14.56 11.07
N ARG A 281 -10.30 13.89 9.99
CA ARG A 281 -9.49 12.69 10.10
C ARG A 281 -8.11 13.03 10.62
N PRO A 282 -7.51 12.12 11.40
CA PRO A 282 -6.17 12.35 11.92
C PRO A 282 -5.15 12.42 10.78
N SER A 283 -4.08 13.20 10.98
CA SER A 283 -2.93 13.17 10.11
C SER A 283 -2.16 11.87 10.36
N PHE A 284 -1.28 11.50 9.43
CA PHE A 284 -0.43 10.32 9.64
C PHE A 284 0.53 10.50 10.82
N SER A 285 0.95 11.74 11.06
CA SER A 285 1.73 12.10 12.25
C SER A 285 1.00 11.80 13.55
N GLU A 286 -0.27 12.20 13.64
CA GLU A 286 -1.13 11.86 14.77
C GLU A 286 -1.30 10.36 14.91
N LEU A 287 -1.49 9.68 13.78
CA LEU A 287 -1.62 8.22 13.74
C LEU A 287 -0.37 7.51 14.24
N VAL A 288 0.80 7.98 13.80
CA VAL A 288 2.07 7.41 14.31
C VAL A 288 2.11 7.56 15.83
N SER A 289 1.76 8.75 16.32
CA SER A 289 1.72 9.03 17.75
C SER A 289 0.78 8.10 18.52
N ARG A 290 -0.48 8.07 18.11
CA ARG A 290 -1.50 7.25 18.77
C ARG A 290 -1.22 5.76 18.72
N ILE A 291 -0.74 5.28 17.57
CA ILE A 291 -0.44 3.85 17.43
C ILE A 291 0.82 3.43 18.21
N SER A 292 1.84 4.29 18.22
CA SER A 292 3.04 3.99 19.01
C SER A 292 2.71 3.83 20.51
N ALA A 293 1.75 4.62 21.00
CA ALA A 293 1.29 4.51 22.38
C ALA A 293 0.57 3.20 22.68
N ILE A 294 -0.35 2.80 21.81
CA ILE A 294 -1.05 1.51 21.92
C ILE A 294 -0.04 0.37 21.84
N PHE A 295 0.84 0.42 20.84
CA PHE A 295 1.89 -0.59 20.68
C PHE A 295 2.69 -0.82 21.96
N SER A 296 3.07 0.27 22.62
CA SER A 296 3.94 0.22 23.81
C SER A 296 3.31 -0.48 25.04
N THR A 297 1.99 -0.62 25.06
CA THR A 297 1.27 -1.25 26.18
C THR A 297 1.32 -2.78 26.13
N PHE A 298 1.73 -3.33 24.99
CA PHE A 298 1.80 -4.77 24.79
C PHE A 298 3.20 -5.33 25.04
N ILE A 299 3.23 -6.58 25.49
CA ILE A 299 4.45 -7.37 25.63
C ILE A 299 4.38 -8.51 24.61
N GLY A 300 5.53 -8.89 24.06
CA GLY A 300 5.62 -10.04 23.16
C GLY A 300 5.03 -9.82 21.78
CAA AM8 B . 5.66 -13.56 -3.06
CAC AM8 B . 6.48 -12.28 -3.39
CAD AM8 B . 5.99 -11.07 -3.86
CAE AM8 B . 4.52 -10.77 -4.16
CAF AM8 B . 7.85 -12.11 -3.24
CAG AM8 B . 8.83 -13.17 -2.75
NAH AM8 B . 8.18 -10.87 -3.61
CAI AM8 B . 7.08 -10.20 -3.99
CAJ AM8 B . 6.91 -8.89 -4.46
CAK AM8 B . 7.90 -7.91 -4.56
CAL AM8 B . 7.68 -6.56 -4.79
CAM AM8 B . 6.53 -5.79 -4.96
CAN AM8 B . 9.29 -8.07 -4.48
OAO AM8 B . 9.90 -9.11 -4.30
NAP AM8 B . 9.88 -6.88 -4.64
CAQ AM8 B . 8.94 -5.95 -4.84
CAR AM8 B . 9.03 -4.57 -5.05
CAS AM8 B . 7.87 -3.81 -5.22
CAT AM8 B . 6.62 -4.42 -5.16
SAU AM8 B . 5.15 -3.46 -5.39
OAV AM8 B . 4.25 -3.59 -4.20
OAW AM8 B . 5.52 -2.02 -5.61
NAX AM8 B . 4.39 -4.07 -6.69
CBE AM8 B . 4.56 -3.40 -7.99
CAY AM8 B . 3.68 -5.18 -6.57
CAZ AM8 B . 4.15 -6.34 -7.18
CBA AM8 B . 3.46 -7.53 -7.07
CLBM AM8 B . 4.11 -8.93 -7.83
CBB AM8 B . 2.26 -7.59 -6.34
CBC AM8 B . 1.77 -6.43 -5.73
CBD AM8 B . 2.48 -5.23 -5.84
#